data_2J43
#
_entry.id   2J43
#
_cell.length_a   37.621
_cell.length_b   71.420
_cell.length_c   101.013
_cell.angle_alpha   90.00
_cell.angle_beta   89.98
_cell.angle_gamma   90.00
#
_symmetry.space_group_name_H-M   'P 1 21 1'
#
loop_
_entity.id
_entity.type
_entity.pdbx_description
1 polymer SPYDX
2 water water
#
_entity_poly.entity_id   1
_entity_poly.type   'polypeptide(L)'
_entity_poly.pdbx_seq_one_letter_code
;ASHHLR(MSE)HFKTLPAGESLGSLGLWVWGDVDQPSKDWPNGAIT(MSE)TKAKKDDYGYYLDVPLAAKHRQQVSYLIN
NKAGENLSKDQHISLLTPK(MSE)NEVWIDENYHAHAYRPLKEGYLRINYHNQSGHYDNLAVWTFKDVKTPTTDWPNGLD
LSHKGHYGAYVDVPLKEGANEIGFLILDKSKTGDAIKVQPKDYLFKELDNHTQVFVKDTDPKVYNNPYYID
;
_entity_poly.pdbx_strand_id   A,B
#
# COMPACT_ATOMS: atom_id res chain seq x y z
N ALA A 1 6.59 4.08 -1.87
CA ALA A 1 5.31 4.48 -1.23
C ALA A 1 5.04 5.98 -1.38
N SER A 2 3.76 6.33 -1.31
CA SER A 2 3.32 7.71 -1.44
C SER A 2 3.52 8.56 -0.20
N HIS A 3 3.69 7.90 0.95
CA HIS A 3 3.81 8.60 2.21
C HIS A 3 4.98 8.00 2.99
N HIS A 4 5.66 8.87 3.72
CA HIS A 4 6.82 8.49 4.52
CA HIS A 4 6.72 8.39 4.60
C HIS A 4 6.74 9.19 5.88
N LEU A 5 7.34 8.57 6.88
CA LEU A 5 7.57 9.21 8.17
C LEU A 5 9.07 9.45 8.33
N ARG A 6 9.48 10.70 8.35
CA ARG A 6 10.90 11.02 8.63
C ARG A 6 11.15 11.00 10.10
N MSE A 7 11.90 9.99 10.53
CA MSE A 7 12.21 9.77 11.91
C MSE A 7 13.55 10.35 12.27
O MSE A 7 14.56 9.96 11.75
CB MSE A 7 12.16 8.27 12.23
CG MSE A 7 10.83 7.67 11.93
SE MSE A 7 10.67 5.88 12.73
CE MSE A 7 10.80 6.34 14.56
N HIS A 8 13.52 11.32 13.17
CA HIS A 8 14.70 11.96 13.71
C HIS A 8 15.06 11.34 15.05
N PHE A 9 16.29 10.82 15.17
CA PHE A 9 16.75 10.28 16.42
C PHE A 9 17.84 11.21 16.99
N LYS A 10 17.70 11.60 18.25
CA LYS A 10 18.69 12.42 18.94
C LYS A 10 20.01 11.68 19.19
N THR A 11 19.86 10.49 19.76
CA THR A 11 21.01 9.68 20.14
C THR A 11 20.77 8.19 19.91
N LEU A 12 21.64 7.57 19.14
CA LEU A 12 21.53 6.15 18.92
C LEU A 12 22.26 5.38 19.99
N PRO A 13 21.98 4.08 20.12
CA PRO A 13 22.56 3.28 21.20
C PRO A 13 24.10 3.44 21.29
N ALA A 14 24.58 3.68 22.51
CA ALA A 14 25.98 4.00 22.78
C ALA A 14 26.92 2.94 22.26
N GLY A 15 27.93 3.38 21.53
CA GLY A 15 28.99 2.52 21.06
C GLY A 15 28.66 1.56 19.94
N GLU A 16 27.45 1.63 19.36
CA GLU A 16 27.08 0.73 18.31
C GLU A 16 27.32 1.44 16.97
N SER A 17 27.89 0.70 16.03
CA SER A 17 28.09 1.15 14.65
C SER A 17 26.80 1.13 13.85
N LEU A 18 26.63 2.09 12.95
CA LEU A 18 25.47 2.09 12.07
C LEU A 18 25.37 0.79 11.29
N GLY A 19 26.51 0.19 10.93
CA GLY A 19 26.56 -1.03 10.17
C GLY A 19 26.05 -2.24 10.88
N SER A 20 25.87 -2.10 12.20
CA SER A 20 25.31 -3.13 13.06
C SER A 20 23.96 -2.79 13.63
N LEU A 21 23.48 -1.59 13.40
CA LEU A 21 22.17 -1.13 13.94
C LEU A 21 21.04 -1.27 12.92
N GLY A 22 19.87 -1.72 13.39
CA GLY A 22 18.68 -1.77 12.58
C GLY A 22 17.49 -1.05 13.17
N LEU A 23 16.65 -0.52 12.29
CA LEU A 23 15.34 0.05 12.66
C LEU A 23 14.28 -0.94 12.23
N TRP A 24 13.62 -1.54 13.21
CA TRP A 24 12.68 -2.63 13.05
C TRP A 24 11.28 -2.03 13.27
N VAL A 25 10.38 -2.14 12.28
CA VAL A 25 9.13 -1.38 12.27
C VAL A 25 7.89 -2.26 12.07
N TRP A 26 6.80 -1.83 12.70
CA TRP A 26 5.51 -2.45 12.50
C TRP A 26 4.39 -1.45 12.66
N GLY A 27 3.15 -1.92 12.64
CA GLY A 27 2.03 -1.00 12.58
C GLY A 27 1.81 -0.52 11.15
N ASP A 28 1.46 0.75 11.03
CA ASP A 28 0.95 1.30 9.76
C ASP A 28 2.08 1.76 8.84
N VAL A 29 3.05 0.89 8.65
CA VAL A 29 4.17 1.06 7.76
C VAL A 29 3.89 0.26 6.46
N ASP A 30 4.55 0.65 5.39
CA ASP A 30 4.37 -0.02 4.10
C ASP A 30 4.83 -1.45 4.13
N GLN A 31 5.96 -1.71 4.77
CA GLN A 31 6.57 -3.03 4.78
C GLN A 31 7.07 -3.33 6.20
N PRO A 32 6.23 -3.93 7.04
CA PRO A 32 6.69 -4.34 8.36
C PRO A 32 7.92 -5.22 8.24
N SER A 33 8.81 -5.07 9.20
CA SER A 33 10.03 -5.86 9.27
C SER A 33 9.71 -7.32 9.41
N LYS A 34 10.49 -8.16 8.75
CA LYS A 34 10.37 -9.59 8.88
C LYS A 34 11.74 -10.22 9.01
N ASP A 35 11.78 -11.42 9.54
CA ASP A 35 13.01 -12.18 9.75
C ASP A 35 13.95 -11.55 10.75
N TRP A 36 13.64 -11.72 12.04
CA TRP A 36 14.42 -11.11 13.10
C TRP A 36 15.86 -11.65 13.15
N PRO A 37 16.87 -10.81 13.36
CA PRO A 37 16.85 -9.35 13.44
C PRO A 37 17.25 -8.67 12.14
N ASN A 38 17.64 -9.47 11.17
CA ASN A 38 18.37 -8.88 10.02
C ASN A 38 17.43 -8.19 9.02
N GLY A 39 16.13 -8.45 9.11
CA GLY A 39 15.16 -7.75 8.30
C GLY A 39 14.91 -6.30 8.63
N ALA A 40 15.50 -5.79 9.69
CA ALA A 40 15.34 -4.36 10.01
C ALA A 40 15.90 -3.47 8.88
N ILE A 41 15.45 -2.22 8.85
CA ILE A 41 16.03 -1.21 7.97
C ILE A 41 17.43 -0.99 8.47
N THR A 42 18.43 -1.12 7.59
CA THR A 42 19.80 -0.84 8.06
C THR A 42 20.02 0.64 8.35
N MSE A 43 20.52 0.98 9.52
CA MSE A 43 20.70 2.38 9.84
C MSE A 43 21.92 3.03 9.17
O MSE A 43 22.16 4.21 9.31
CB MSE A 43 20.67 2.60 11.35
CG MSE A 43 19.43 2.00 11.95
SE MSE A 43 19.02 2.79 13.73
CE MSE A 43 18.66 4.70 13.07
N THR A 44 22.66 2.25 8.39
CA THR A 44 23.54 2.86 7.39
C THR A 44 22.86 3.81 6.45
N LYS A 45 21.54 3.63 6.21
CA LYS A 45 20.74 4.50 5.37
C LYS A 45 20.36 5.83 6.02
N ALA A 46 20.58 5.94 7.34
CA ALA A 46 20.34 7.16 8.09
C ALA A 46 21.34 8.22 7.70
N LYS A 47 20.95 9.47 7.83
CA LYS A 47 21.86 10.59 7.51
C LYS A 47 21.97 11.46 8.71
N LYS A 48 23.16 12.04 8.89
CA LYS A 48 23.45 12.94 9.98
C LYS A 48 22.81 14.30 9.67
N ASP A 49 22.17 14.87 10.68
CA ASP A 49 21.68 16.24 10.63
C ASP A 49 21.93 16.91 11.99
N ASP A 50 21.47 18.15 12.13
CA ASP A 50 21.72 18.91 13.32
C ASP A 50 21.19 18.27 14.60
N TYR A 51 19.99 17.71 14.55
CA TYR A 51 19.37 17.11 15.73
C TYR A 51 20.07 15.77 16.13
N GLY A 52 20.55 15.07 15.13
CA GLY A 52 21.04 13.73 15.32
C GLY A 52 21.16 12.95 14.04
N TYR A 53 20.41 11.87 13.93
CA TYR A 53 20.30 11.13 12.67
C TYR A 53 18.87 11.09 12.23
N TYR A 54 18.63 10.96 10.94
CA TYR A 54 17.27 10.73 10.51
C TYR A 54 17.21 9.64 9.44
N LEU A 55 16.05 9.01 9.37
CA LEU A 55 15.80 7.88 8.51
C LEU A 55 14.31 7.93 8.12
N ASP A 56 14.00 7.82 6.83
CA ASP A 56 12.64 7.86 6.30
C ASP A 56 12.04 6.47 6.22
N VAL A 57 10.88 6.30 6.83
CA VAL A 57 10.20 5.01 6.91
C VAL A 57 8.94 5.09 6.03
N PRO A 58 8.86 4.34 4.94
CA PRO A 58 7.64 4.32 4.13
C PRO A 58 6.45 3.89 4.96
N LEU A 59 5.34 4.61 4.80
CA LEU A 59 4.12 4.35 5.53
C LEU A 59 3.06 3.63 4.69
N ALA A 60 2.12 3.03 5.36
CA ALA A 60 1.06 2.27 4.70
C ALA A 60 0.30 3.15 3.72
N ALA A 61 -0.16 2.55 2.64
CA ALA A 61 -0.93 3.27 1.63
C ALA A 61 -2.25 3.78 2.17
N LYS A 62 -2.83 3.06 3.12
CA LYS A 62 -4.07 3.47 3.76
CA LYS A 62 -4.09 3.46 3.76
C LYS A 62 -4.03 3.20 5.26
N HIS A 63 -4.82 3.95 6.02
CA HIS A 63 -4.98 3.84 7.46
C HIS A 63 -3.69 4.08 8.23
N ARG A 64 -3.21 5.32 8.15
CA ARG A 64 -2.01 5.77 8.82
C ARG A 64 -2.31 6.39 10.18
N GLN A 65 -2.33 5.56 11.22
CA GLN A 65 -2.68 5.98 12.57
C GLN A 65 -1.57 5.78 13.58
N GLN A 66 -0.82 4.68 13.48
CA GLN A 66 0.19 4.38 14.48
C GLN A 66 1.33 3.59 13.86
N VAL A 67 2.55 3.94 14.26
CA VAL A 67 3.75 3.25 13.84
C VAL A 67 4.47 2.79 15.08
N SER A 68 4.94 1.58 15.06
CA SER A 68 5.73 1.08 16.13
C SER A 68 7.12 0.77 15.58
N TYR A 69 8.09 0.78 16.49
CA TYR A 69 9.46 0.59 16.09
C TYR A 69 10.33 0.21 17.29
N LEU A 70 11.50 -0.29 16.95
CA LEU A 70 12.58 -0.47 17.90
C LEU A 70 13.89 -0.38 17.14
N ILE A 71 14.97 -0.20 17.89
CA ILE A 71 16.33 -0.23 17.32
C ILE A 71 16.96 -1.51 17.83
N ASN A 72 17.46 -2.31 16.92
CA ASN A 72 18.11 -3.57 17.25
C ASN A 72 19.54 -3.55 16.78
N ASN A 73 20.24 -4.63 17.06
CA ASN A 73 21.54 -4.87 16.47
C ASN A 73 21.62 -6.25 15.87
N LYS A 74 22.71 -6.54 15.18
CA LYS A 74 22.78 -7.76 14.42
C LYS A 74 22.91 -9.00 15.32
N ALA A 75 23.32 -8.83 16.58
CA ALA A 75 23.25 -9.88 17.59
C ALA A 75 21.83 -10.18 18.06
N GLY A 76 20.84 -9.38 17.62
CA GLY A 76 19.46 -9.61 17.97
C GLY A 76 18.97 -8.98 19.25
N GLU A 77 19.72 -8.04 19.80
CA GLU A 77 19.30 -7.34 20.99
C GLU A 77 18.26 -6.26 20.63
N ASN A 78 17.25 -6.11 21.49
CA ASN A 78 16.33 -4.98 21.40
C ASN A 78 16.92 -3.86 22.24
N LEU A 79 17.59 -2.90 21.59
CA LEU A 79 18.35 -1.90 22.31
C LEU A 79 17.51 -0.76 22.87
N SER A 80 16.42 -0.41 22.19
CA SER A 80 15.55 0.69 22.56
C SER A 80 14.39 0.36 23.52
N LYS A 81 14.05 -0.92 23.53
CA LYS A 81 12.70 -1.45 23.89
C LYS A 81 11.72 -1.07 22.78
N ASP A 82 10.59 -1.77 22.76
CA ASP A 82 9.56 -1.42 21.80
C ASP A 82 9.00 -0.03 22.08
N GLN A 83 8.70 0.70 21.01
CA GLN A 83 8.20 2.06 21.06
C GLN A 83 7.06 2.26 20.10
N HIS A 84 6.21 3.24 20.37
CA HIS A 84 4.98 3.47 19.62
C HIS A 84 4.71 4.96 19.38
N ILE A 85 4.36 5.30 18.15
CA ILE A 85 4.11 6.66 17.75
C ILE A 85 2.68 6.75 17.23
N SER A 86 1.90 7.64 17.82
CA SER A 86 0.59 8.03 17.29
C SER A 86 0.78 9.05 16.20
N LEU A 87 0.23 8.78 15.02
CA LEU A 87 0.25 9.76 13.94
C LEU A 87 -0.95 10.66 14.17
N LEU A 88 -0.74 11.95 14.38
CA LEU A 88 -1.85 12.86 14.77
C LEU A 88 -2.87 12.99 13.68
N THR A 89 -2.39 12.87 12.45
CA THR A 89 -3.20 12.82 11.26
C THR A 89 -2.50 11.92 10.29
N PRO A 90 -3.20 11.35 9.30
CA PRO A 90 -2.55 10.56 8.27
C PRO A 90 -1.51 11.30 7.45
N LYS A 91 -1.52 12.64 7.47
CA LYS A 91 -0.48 13.41 6.79
C LYS A 91 0.76 13.68 7.66
N MSE A 92 0.80 13.23 8.92
CA MSE A 92 1.97 13.47 9.76
C MSE A 92 3.17 12.74 9.19
O MSE A 92 3.12 11.52 8.98
CB MSE A 92 1.73 13.10 11.19
CG MSE A 92 3.00 13.20 12.03
SE MSE A 92 2.63 13.19 13.93
CE MSE A 92 4.32 12.30 14.50
N ASN A 93 4.18 13.53 8.81
CA ASN A 93 5.29 13.04 8.01
C ASN A 93 6.66 13.06 8.63
N GLU A 94 6.76 13.39 9.92
CA GLU A 94 7.99 13.82 10.52
C GLU A 94 7.79 13.69 12.02
N VAL A 95 8.78 13.14 12.71
CA VAL A 95 8.73 13.01 14.18
C VAL A 95 10.13 13.12 14.71
N TRP A 96 10.25 13.56 15.94
CA TRP A 96 11.51 13.71 16.63
C TRP A 96 11.49 12.85 17.87
N ILE A 97 12.49 11.98 17.96
CA ILE A 97 12.61 11.02 19.04
CA ILE A 97 12.63 11.00 19.02
C ILE A 97 13.81 11.41 19.86
N ASP A 98 13.53 11.77 21.10
CA ASP A 98 14.62 12.24 21.94
C ASP A 98 15.43 11.09 22.56
N GLU A 99 16.40 11.43 23.38
CA GLU A 99 17.30 10.42 23.92
C GLU A 99 16.65 9.43 24.89
N ASN A 100 15.47 9.76 25.39
CA ASN A 100 14.65 8.84 26.18
C ASN A 100 13.52 8.19 25.37
N TYR A 101 13.57 8.29 24.04
CA TYR A 101 12.59 7.67 23.15
C TYR A 101 11.20 8.26 23.32
N HIS A 102 11.12 9.50 23.75
CA HIS A 102 9.86 10.24 23.75
C HIS A 102 9.69 10.90 22.39
N ALA A 103 8.50 10.80 21.80
CA ALA A 103 8.24 11.31 20.47
C ALA A 103 7.62 12.69 20.50
N HIS A 104 7.94 13.49 19.49
CA HIS A 104 7.46 14.86 19.38
C HIS A 104 7.06 15.14 17.97
N ALA A 105 6.01 15.94 17.77
CA ALA A 105 5.50 16.23 16.45
C ALA A 105 6.17 17.48 15.80
N TYR A 106 7.15 18.03 16.50
CA TYR A 106 7.99 19.13 16.00
C TYR A 106 9.33 19.00 16.72
N ARG A 107 10.35 19.72 16.27
CA ARG A 107 11.63 19.67 16.94
C ARG A 107 11.58 20.36 18.32
N PRO A 108 11.83 19.65 19.41
CA PRO A 108 11.81 20.28 20.73
C PRO A 108 12.91 21.34 20.85
N LEU A 109 12.59 22.45 21.44
CA LEU A 109 13.57 23.51 21.57
C LEU A 109 14.10 23.60 23.01
N LYS A 110 15.01 24.54 23.24
CA LYS A 110 15.62 24.80 24.54
C LYS A 110 14.60 24.97 25.67
N GLU A 111 14.93 24.44 26.84
CA GLU A 111 14.07 24.58 28.02
C GLU A 111 13.98 26.03 28.44
N GLY A 112 12.83 26.42 28.97
CA GLY A 112 12.60 27.76 29.50
C GLY A 112 12.17 28.79 28.46
N TYR A 113 11.87 28.31 27.26
CA TYR A 113 11.33 29.17 26.21
C TYR A 113 10.09 28.50 25.63
N LEU A 114 9.15 29.29 25.11
CA LEU A 114 8.05 28.77 24.32
C LEU A 114 8.19 29.45 22.96
N ARG A 115 8.27 28.67 21.87
CA ARG A 115 8.09 29.25 20.53
C ARG A 115 6.62 29.33 20.15
N ILE A 116 6.18 30.53 19.74
CA ILE A 116 4.87 30.77 19.20
C ILE A 116 5.00 30.87 17.70
N ASN A 117 4.42 29.92 16.99
CA ASN A 117 4.40 29.90 15.55
C ASN A 117 3.05 30.43 15.07
N TYR A 118 3.05 31.31 14.07
CA TYR A 118 1.81 31.89 13.57
C TYR A 118 1.83 31.78 12.08
N HIS A 119 0.81 31.15 11.49
CA HIS A 119 0.67 30.96 10.05
C HIS A 119 -0.61 31.68 9.59
N ASN A 120 -0.52 32.34 8.43
CA ASN A 120 -1.71 32.86 7.75
C ASN A 120 -1.71 32.45 6.29
N GLN A 121 -2.85 32.69 5.62
CA GLN A 121 -3.07 32.18 4.24
C GLN A 121 -2.23 32.92 3.24
N SER A 122 -2.08 34.23 3.46
CA SER A 122 -1.37 35.09 2.55
C SER A 122 0.14 34.99 2.66
N GLY A 123 0.62 34.55 3.82
CA GLY A 123 2.03 34.54 4.09
C GLY A 123 2.64 35.92 4.33
N HIS A 124 1.78 36.91 4.58
CA HIS A 124 2.20 38.29 4.79
C HIS A 124 2.30 38.55 6.29
N TYR A 125 3.52 38.65 6.81
CA TYR A 125 3.71 38.84 8.26
C TYR A 125 4.27 40.23 8.62
N ASP A 126 4.49 41.10 7.64
CA ASP A 126 5.00 42.44 7.92
C ASP A 126 4.05 43.14 8.90
N ASN A 127 4.67 43.75 9.91
CA ASN A 127 3.99 44.56 10.92
C ASN A 127 3.02 43.78 11.83
N LEU A 128 3.09 42.47 11.78
CA LEU A 128 2.36 41.66 12.78
C LEU A 128 3.27 41.50 14.00
N ALA A 129 2.69 41.38 15.19
CA ALA A 129 3.49 41.24 16.41
C ALA A 129 2.75 40.37 17.39
N VAL A 130 3.46 39.92 18.40
CA VAL A 130 2.88 39.07 19.45
C VAL A 130 2.90 39.84 20.75
N TRP A 131 1.73 40.02 21.36
CA TRP A 131 1.57 40.56 22.70
C TRP A 131 1.62 39.39 23.69
N THR A 132 2.43 39.50 24.73
CA THR A 132 2.62 38.42 25.71
C THR A 132 2.37 38.89 27.13
N PHE A 133 1.84 37.98 27.94
CA PHE A 133 1.52 38.25 29.33
C PHE A 133 1.37 36.94 30.10
N LYS A 134 1.04 37.07 31.37
CA LYS A 134 1.11 35.98 32.33
C LYS A 134 2.55 35.56 32.53
N ASP A 135 2.88 34.28 32.54
CA ASP A 135 4.17 33.85 33.08
C ASP A 135 5.34 33.88 32.07
N VAL A 136 5.43 34.94 31.30
CA VAL A 136 6.60 35.20 30.49
C VAL A 136 7.58 36.05 31.29
N LYS A 137 8.86 35.95 30.93
CA LYS A 137 9.93 36.70 31.60
C LYS A 137 9.70 38.20 31.58
N THR A 138 9.40 38.71 30.39
CA THR A 138 9.17 40.13 30.22
C THR A 138 7.98 40.42 29.28
N PRO A 139 6.82 40.66 29.91
CA PRO A 139 5.62 40.99 29.16
C PRO A 139 5.87 42.13 28.22
N THR A 140 5.22 42.09 27.08
CA THR A 140 5.27 43.21 26.17
C THR A 140 4.66 44.46 26.77
N THR A 141 5.17 45.62 26.30
CA THR A 141 4.76 46.97 26.71
C THR A 141 4.44 47.84 25.51
N ASP A 142 3.80 48.97 25.80
CA ASP A 142 3.47 49.99 24.79
C ASP A 142 2.61 49.45 23.66
N TRP A 143 1.42 49.01 24.02
CA TRP A 143 0.43 48.59 23.05
C TRP A 143 0.33 49.48 21.81
N PRO A 144 0.31 48.95 20.58
CA PRO A 144 0.41 47.53 20.24
C PRO A 144 1.83 47.04 19.86
N ASN A 145 2.88 47.61 20.45
CA ASN A 145 4.25 47.18 20.03
CA ASN A 145 4.30 47.23 20.22
C ASN A 145 4.76 45.87 20.68
N GLY A 146 4.26 44.78 20.19
CA GLY A 146 4.70 43.51 20.74
C GLY A 146 5.92 42.95 20.01
N LEU A 147 6.13 41.66 20.14
CA LEU A 147 7.31 41.03 19.57
C LEU A 147 7.09 40.83 18.10
N ASP A 148 8.05 41.28 17.28
CA ASP A 148 7.95 41.10 15.82
CA ASP A 148 7.87 41.09 15.84
C ASP A 148 7.90 39.61 15.43
N LEU A 149 7.15 39.31 14.39
CA LEU A 149 7.15 38.01 13.74
C LEU A 149 8.06 38.06 12.49
N SER A 150 9.31 38.47 12.68
CA SER A 150 10.25 38.57 11.56
C SER A 150 10.91 37.21 11.25
N HIS A 151 10.95 36.28 12.21
CA HIS A 151 11.60 34.99 11.95
C HIS A 151 10.60 34.12 11.20
N LYS A 152 11.07 33.45 10.15
CA LYS A 152 10.24 32.56 9.37
C LYS A 152 10.75 31.14 9.51
N GLY A 153 9.79 30.24 9.71
CA GLY A 153 10.12 28.86 10.02
C GLY A 153 9.31 27.96 9.13
N HIS A 154 9.21 26.69 9.54
CA HIS A 154 8.45 25.68 8.80
C HIS A 154 6.95 25.78 8.95
N TYR A 155 6.49 26.54 9.92
CA TYR A 155 5.09 26.56 10.33
C TYR A 155 4.56 28.00 10.46
N GLY A 156 5.07 28.82 9.54
CA GLY A 156 4.75 30.24 9.52
C GLY A 156 5.84 31.05 10.22
N ALA A 157 5.48 32.26 10.62
CA ALA A 157 6.39 33.15 11.31
C ALA A 157 6.49 32.66 12.73
N TYR A 158 7.50 33.06 13.47
CA TYR A 158 7.59 32.69 14.87
C TYR A 158 8.37 33.64 15.72
N VAL A 159 8.15 33.55 17.03
CA VAL A 159 9.00 34.20 18.00
C VAL A 159 9.28 33.24 19.16
N ASP A 160 10.48 33.32 19.70
CA ASP A 160 10.89 32.55 20.86
C ASP A 160 10.75 33.44 22.10
N VAL A 161 9.93 33.00 23.02
CA VAL A 161 9.57 33.76 24.20
C VAL A 161 10.17 33.17 25.49
N PRO A 162 11.05 33.90 26.17
CA PRO A 162 11.53 33.41 27.48
C PRO A 162 10.44 33.39 28.52
N LEU A 163 10.37 32.32 29.30
CA LEU A 163 9.36 32.11 30.33
C LEU A 163 9.99 32.42 31.73
N LYS A 164 9.13 32.77 32.68
CA LYS A 164 9.60 32.96 34.04
CA LYS A 164 9.49 32.94 34.09
C LYS A 164 9.94 31.60 34.65
N GLU A 165 10.86 31.61 35.62
CA GLU A 165 11.16 30.44 36.47
C GLU A 165 9.83 30.02 37.02
N GLY A 166 9.53 28.72 36.95
CA GLY A 166 8.28 28.19 37.49
C GLY A 166 7.04 28.54 36.72
N ALA A 167 7.17 28.81 35.42
CA ALA A 167 6.02 29.20 34.63
C ALA A 167 4.99 28.08 34.51
N ASN A 168 3.72 28.44 34.66
CA ASN A 168 2.60 27.52 34.45
C ASN A 168 1.68 27.87 33.30
N GLU A 169 1.47 29.17 33.05
CA GLU A 169 0.48 29.63 32.08
C GLU A 169 0.98 30.89 31.32
N ILE A 170 0.79 30.92 30.01
CA ILE A 170 1.12 32.10 29.20
CA ILE A 170 1.11 32.07 29.17
C ILE A 170 -0.14 32.53 28.48
N GLY A 171 -0.25 33.84 28.27
CA GLY A 171 -1.27 34.40 27.43
C GLY A 171 -0.56 35.20 26.35
N PHE A 172 -1.20 35.23 25.22
CA PHE A 172 -0.69 36.03 24.12
C PHE A 172 -1.78 36.37 23.11
N LEU A 173 -1.46 37.30 22.22
CA LEU A 173 -2.39 37.68 21.18
C LEU A 173 -1.62 38.07 19.96
N ILE A 174 -2.12 37.75 18.80
CA ILE A 174 -1.45 38.20 17.56
C ILE A 174 -2.05 39.53 17.13
N LEU A 175 -1.19 40.52 16.91
CA LEU A 175 -1.59 41.88 16.55
C LEU A 175 -1.20 42.26 15.14
N ASP A 176 -2.00 43.11 14.53
CA ASP A 176 -1.64 43.72 13.28
C ASP A 176 -1.45 45.21 13.50
N LYS A 177 -0.20 45.64 13.58
CA LYS A 177 0.14 47.04 13.89
C LYS A 177 -0.17 48.03 12.76
N SER A 178 -0.53 47.53 11.58
CA SER A 178 -0.92 48.38 10.47
C SER A 178 -2.33 48.95 10.69
N LYS A 179 -3.06 48.34 11.62
CA LYS A 179 -4.43 48.74 11.91
C LYS A 179 -4.55 49.72 13.05
N THR A 180 -5.76 50.21 13.31
CA THR A 180 -6.05 51.03 14.50
C THR A 180 -7.27 50.50 15.28
N GLY A 181 -7.35 50.90 16.54
CA GLY A 181 -8.44 50.49 17.42
C GLY A 181 -8.58 48.98 17.53
N ASP A 182 -9.81 48.47 17.49
CA ASP A 182 -10.06 47.06 17.81
C ASP A 182 -9.49 46.12 16.74
N ALA A 183 -9.39 46.62 15.51
CA ALA A 183 -8.81 45.88 14.37
C ALA A 183 -7.30 45.54 14.51
N ILE A 184 -6.64 46.10 15.50
CA ILE A 184 -5.24 45.73 15.79
C ILE A 184 -5.23 44.27 16.26
N LYS A 185 -6.27 43.84 16.97
CA LYS A 185 -6.34 42.41 17.36
C LYS A 185 -6.75 41.55 16.15
N VAL A 186 -5.90 40.62 15.74
CA VAL A 186 -6.18 39.85 14.52
C VAL A 186 -7.48 39.06 14.72
N GLN A 187 -7.63 38.53 15.89
CA GLN A 187 -8.94 38.14 16.41
C GLN A 187 -9.03 38.49 17.90
N PRO A 188 -10.24 38.58 18.45
CA PRO A 188 -10.40 39.20 19.77
C PRO A 188 -10.17 38.38 21.01
N LYS A 189 -10.01 37.08 20.90
CA LYS A 189 -9.92 36.30 22.12
C LYS A 189 -8.48 36.00 22.42
N ASP A 190 -8.10 36.26 23.64
CA ASP A 190 -6.76 35.97 24.12
C ASP A 190 -6.45 34.48 23.98
N TYR A 191 -5.26 34.19 23.50
CA TYR A 191 -4.76 32.81 23.50
C TYR A 191 -4.17 32.49 24.84
N LEU A 192 -4.52 31.33 25.39
CA LEU A 192 -4.01 30.89 26.67
C LEU A 192 -3.39 29.51 26.51
N PHE A 193 -2.23 29.31 27.12
CA PHE A 193 -1.58 28.00 27.08
C PHE A 193 -0.97 27.64 28.39
N LYS A 194 -1.26 26.42 28.86
CA LYS A 194 -0.76 25.98 30.16
C LYS A 194 -0.22 24.54 30.17
N GLU A 195 0.23 24.04 29.03
CA GLU A 195 0.90 22.72 28.98
C GLU A 195 2.41 22.90 28.77
N LEU A 196 3.06 23.77 29.53
CA LEU A 196 4.48 24.09 29.28
C LEU A 196 5.51 22.98 29.55
N ASP A 197 5.11 21.93 30.26
CA ASP A 197 6.06 20.87 30.59
C ASP A 197 6.22 19.88 29.44
N ASN A 198 5.16 19.69 28.65
CA ASN A 198 5.23 18.82 27.47
C ASN A 198 5.68 19.49 26.19
N HIS A 199 5.69 20.82 26.18
CA HIS A 199 5.65 21.53 24.90
C HIS A 199 6.47 22.79 24.90
N THR A 200 7.36 22.88 23.92
CA THR A 200 8.17 24.05 23.73
C THR A 200 7.91 24.72 22.40
N GLN A 201 7.00 24.23 21.58
CA GLN A 201 6.24 25.02 20.61
C GLN A 201 4.75 24.92 20.64
N VAL A 202 4.10 26.02 20.27
CA VAL A 202 2.70 26.08 19.97
C VAL A 202 2.46 26.71 18.62
N PHE A 203 1.22 26.54 18.14
CA PHE A 203 0.89 26.83 16.77
C PHE A 203 -0.46 27.48 16.74
N VAL A 204 -0.50 28.68 16.16
CA VAL A 204 -1.75 29.42 15.90
C VAL A 204 -1.82 29.85 14.47
N LYS A 205 -3.03 30.08 13.97
CA LYS A 205 -3.20 30.44 12.58
C LYS A 205 -4.37 31.39 12.31
N ASP A 206 -4.22 32.20 11.27
CA ASP A 206 -5.31 33.01 10.70
C ASP A 206 -6.06 33.78 11.81
N THR A 207 -7.39 33.60 11.91
CA THR A 207 -8.20 34.18 12.95
C THR A 207 -8.81 33.15 13.87
N ASP A 208 -8.17 32.00 13.90
CA ASP A 208 -8.60 30.91 14.73
C ASP A 208 -8.18 31.15 16.17
N PRO A 209 -9.13 31.16 17.11
CA PRO A 209 -8.84 31.41 18.50
C PRO A 209 -8.18 30.26 19.29
N LYS A 210 -7.99 29.07 18.69
CA LYS A 210 -7.38 27.98 19.43
C LYS A 210 -5.86 27.98 19.36
N VAL A 211 -5.22 27.66 20.48
CA VAL A 211 -3.79 27.31 20.54
C VAL A 211 -3.66 25.81 20.37
N TYR A 212 -2.83 25.42 19.41
CA TYR A 212 -2.61 24.01 19.09
C TYR A 212 -1.21 23.67 19.55
N ASN A 213 -1.06 22.43 19.97
CA ASN A 213 0.21 21.92 20.47
C ASN A 213 1.00 21.13 19.38
N ASN A 214 0.56 21.25 18.13
CA ASN A 214 1.15 20.57 16.99
C ASN A 214 0.91 21.29 15.70
N PRO A 215 1.77 21.11 14.72
CA PRO A 215 1.66 21.85 13.47
C PRO A 215 0.62 21.36 12.49
N TYR A 216 -0.15 20.34 12.88
CA TYR A 216 -1.26 19.83 12.09
C TYR A 216 -2.56 20.50 12.47
N TYR A 217 -2.54 21.34 13.50
CA TYR A 217 -3.74 22.05 14.00
C TYR A 217 -4.83 21.02 14.39
N ILE A 218 -4.41 19.97 15.09
CA ILE A 218 -5.35 18.98 15.67
C ILE A 218 -5.55 19.23 17.14
N ASP A 219 -6.82 19.40 17.55
CA ASP A 219 -7.10 19.91 18.88
C ASP A 219 -6.73 18.92 20.00
N SER B 2 2.68 -33.05 -1.34
CA SER B 2 2.04 -33.53 -2.60
C SER B 2 1.43 -32.40 -3.42
N HIS B 3 1.41 -32.68 -4.70
CA HIS B 3 0.95 -31.74 -5.69
C HIS B 3 0.12 -32.56 -6.67
N HIS B 4 -0.94 -31.95 -7.19
CA HIS B 4 -1.70 -32.60 -8.24
C HIS B 4 -2.14 -31.61 -9.28
N LEU B 5 -2.48 -32.14 -10.45
CA LEU B 5 -3.04 -31.35 -11.52
C LEU B 5 -4.50 -31.74 -11.67
N ARG B 6 -5.41 -30.83 -11.37
CA ARG B 6 -6.83 -31.05 -11.64
C ARG B 6 -7.09 -30.77 -13.10
N MSE B 7 -7.47 -31.83 -13.82
CA MSE B 7 -7.59 -31.80 -15.26
C MSE B 7 -9.05 -31.82 -15.70
O MSE B 7 -9.74 -32.84 -15.58
CB MSE B 7 -6.84 -32.98 -15.89
CG MSE B 7 -5.34 -32.98 -15.61
SE MSE B 7 -4.42 -34.47 -16.48
CE MSE B 7 -4.88 -34.07 -18.33
N HIS B 8 -9.51 -30.68 -16.21
CA HIS B 8 -10.87 -30.50 -16.62
C HIS B 8 -11.00 -30.85 -18.07
N PHE B 9 -11.91 -31.75 -18.41
CA PHE B 9 -12.16 -32.15 -19.77
C PHE B 9 -13.55 -31.67 -20.15
N LYS B 10 -13.64 -30.94 -21.25
CA LYS B 10 -14.96 -30.45 -21.70
C LYS B 10 -15.83 -31.58 -22.25
N THR B 11 -15.21 -32.43 -23.05
CA THR B 11 -15.89 -33.48 -23.79
C THR B 11 -15.02 -34.71 -23.80
N LEU B 12 -15.59 -35.86 -23.46
CA LEU B 12 -14.86 -37.09 -23.54
C LEU B 12 -15.24 -37.83 -24.82
N PRO B 13 -14.41 -38.79 -25.24
CA PRO B 13 -14.66 -39.49 -26.50
C PRO B 13 -16.09 -40.02 -26.64
N ALA B 14 -16.72 -39.70 -27.77
CA ALA B 14 -18.07 -40.17 -28.03
C ALA B 14 -18.23 -41.70 -28.08
N GLY B 15 -19.33 -42.18 -27.50
CA GLY B 15 -19.66 -43.59 -27.53
C GLY B 15 -18.95 -44.46 -26.52
N GLU B 16 -18.12 -43.83 -25.69
CA GLU B 16 -17.43 -44.53 -24.63
C GLU B 16 -17.98 -44.10 -23.27
N SER B 17 -17.91 -44.99 -22.30
CA SER B 17 -18.29 -44.64 -20.95
C SER B 17 -17.11 -44.50 -20.02
N LEU B 18 -17.34 -43.89 -18.86
CA LEU B 18 -16.26 -43.72 -17.90
C LEU B 18 -15.65 -45.07 -17.59
N GLY B 19 -16.48 -46.13 -17.53
CA GLY B 19 -15.97 -47.46 -17.19
C GLY B 19 -15.09 -48.13 -18.23
N SER B 20 -15.08 -47.54 -19.44
CA SER B 20 -14.31 -48.04 -20.59
C SER B 20 -13.15 -47.13 -20.96
N LEU B 21 -13.03 -46.00 -20.29
CA LEU B 21 -12.05 -44.98 -20.64
C LEU B 21 -10.92 -44.91 -19.66
N GLY B 22 -9.70 -44.74 -20.20
CA GLY B 22 -8.51 -44.56 -19.40
C GLY B 22 -7.78 -43.27 -19.69
N LEU B 23 -7.20 -42.68 -18.65
CA LEU B 23 -6.32 -41.55 -18.81
C LEU B 23 -4.91 -42.03 -18.59
N TRP B 24 -4.15 -42.07 -19.68
CA TRP B 24 -2.79 -42.62 -19.70
C TRP B 24 -1.83 -41.40 -19.61
N VAL B 25 -0.91 -41.37 -18.62
CA VAL B 25 -0.12 -40.19 -18.32
C VAL B 25 1.38 -40.42 -18.28
N TRP B 26 2.13 -39.40 -18.67
CA TRP B 26 3.58 -39.46 -18.60
C TRP B 26 4.13 -38.06 -18.39
N GLY B 27 5.45 -37.92 -18.45
CA GLY B 27 6.08 -36.67 -18.06
C GLY B 27 6.16 -36.52 -16.56
N ASP B 28 5.91 -35.31 -16.09
CA ASP B 28 6.15 -34.95 -14.70
C ASP B 28 4.97 -35.29 -13.76
N VAL B 29 4.47 -36.50 -13.92
CA VAL B 29 3.45 -37.03 -13.07
C VAL B 29 4.12 -37.95 -12.03
N ASP B 30 3.43 -38.17 -10.90
CA ASP B 30 4.04 -38.97 -9.84
C ASP B 30 4.27 -40.44 -10.26
N GLN B 31 3.28 -41.02 -10.93
CA GLN B 31 3.33 -42.39 -11.41
C GLN B 31 2.94 -42.48 -12.90
N PRO B 32 3.92 -42.37 -13.81
CA PRO B 32 3.59 -42.60 -15.22
C PRO B 32 2.89 -43.94 -15.41
N SER B 33 1.96 -43.96 -16.36
CA SER B 33 1.25 -45.18 -16.67
C SER B 33 2.16 -46.29 -17.15
N LYS B 34 1.83 -47.52 -16.75
CA LYS B 34 2.50 -48.70 -17.26
C LYS B 34 1.48 -49.78 -17.62
N ASP B 35 1.94 -50.76 -18.37
CA ASP B 35 1.06 -51.88 -18.76
CA ASP B 35 1.12 -51.87 -18.83
C ASP B 35 -0.02 -51.45 -19.76
N TRP B 36 0.33 -51.09 -20.98
CA TRP B 36 -0.59 -50.62 -21.95
C TRP B 36 -1.62 -51.70 -22.31
N PRO B 37 -2.90 -51.39 -22.39
CA PRO B 37 -3.50 -50.08 -22.10
C PRO B 37 -4.15 -50.00 -20.73
N ASN B 38 -4.27 -51.13 -20.05
CA ASN B 38 -5.17 -51.15 -18.84
C ASN B 38 -4.56 -50.46 -17.60
N GLY B 39 -3.27 -50.15 -17.63
CA GLY B 39 -2.61 -49.37 -16.61
C GLY B 39 -2.99 -47.91 -16.52
N ALA B 40 -3.81 -47.44 -17.47
CA ALA B 40 -4.30 -46.09 -17.42
C ALA B 40 -5.07 -45.85 -16.15
N ILE B 41 -5.10 -44.59 -15.74
CA ILE B 41 -6.02 -44.13 -14.68
C ILE B 41 -7.43 -44.38 -15.12
N THR B 42 -8.25 -45.03 -14.31
CA THR B 42 -9.63 -45.26 -14.74
C THR B 42 -10.48 -44.00 -14.63
N MSE B 43 -11.22 -43.63 -15.69
CA MSE B 43 -11.95 -42.39 -15.72
C MSE B 43 -13.24 -42.47 -14.91
O MSE B 43 -13.93 -41.48 -14.70
CB MSE B 43 -12.15 -41.90 -17.15
CG MSE B 43 -10.81 -41.60 -17.76
SE MSE B 43 -10.85 -40.28 -19.26
CE MSE B 43 -11.15 -38.77 -18.17
N THR B 44 -13.52 -43.67 -14.36
CA THR B 44 -14.53 -43.78 -13.29
C THR B 44 -14.19 -42.91 -12.11
N LYS B 45 -12.91 -42.57 -11.92
CA LYS B 45 -12.47 -41.68 -10.85
C LYS B 45 -12.73 -40.20 -11.09
N ALA B 46 -13.20 -39.89 -12.30
CA ALA B 46 -13.56 -38.54 -12.67
C ALA B 46 -14.91 -38.18 -12.11
N LYS B 47 -15.10 -36.89 -11.91
CA LYS B 47 -16.40 -36.40 -11.47
C LYS B 47 -16.94 -35.35 -12.42
N LYS B 48 -18.26 -35.30 -12.51
CA LYS B 48 -18.96 -34.29 -13.25
C LYS B 48 -18.91 -32.91 -12.58
N ASP B 49 -18.68 -31.90 -13.41
CA ASP B 49 -18.80 -30.53 -12.96
C ASP B 49 -19.38 -29.70 -14.11
N ASP B 50 -19.44 -28.39 -13.91
CA ASP B 50 -20.09 -27.52 -14.86
C ASP B 50 -19.43 -27.55 -16.23
N TYR B 51 -18.11 -27.58 -16.27
CA TYR B 51 -17.39 -27.57 -17.51
C TYR B 51 -17.45 -28.87 -18.30
N GLY B 52 -17.49 -29.97 -17.58
CA GLY B 52 -17.48 -31.29 -18.15
C GLY B 52 -17.22 -32.34 -17.08
N TYR B 53 -16.03 -32.94 -17.13
CA TYR B 53 -15.57 -33.89 -16.14
C TYR B 53 -14.20 -33.45 -15.64
N TYR B 54 -13.86 -33.81 -14.41
CA TYR B 54 -12.53 -33.46 -13.92
C TYR B 54 -11.93 -34.63 -13.13
N LEU B 55 -10.60 -34.68 -13.14
CA LEU B 55 -9.84 -35.79 -12.60
C LEU B 55 -8.53 -35.23 -12.09
N ASP B 56 -8.16 -35.54 -10.87
CA ASP B 56 -6.92 -35.08 -10.27
C ASP B 56 -5.82 -36.09 -10.51
N VAL B 57 -4.72 -35.63 -11.09
CA VAL B 57 -3.57 -36.47 -11.41
C VAL B 57 -2.39 -36.03 -10.52
N PRO B 58 -1.91 -36.93 -9.64
CA PRO B 58 -0.73 -36.60 -8.82
C PRO B 58 0.49 -36.29 -9.67
N LEU B 59 1.16 -35.23 -9.30
CA LEU B 59 2.35 -34.75 -10.00
C LEU B 59 3.63 -35.18 -9.27
N ALA B 60 4.72 -35.12 -10.01
CA ALA B 60 6.03 -35.49 -9.50
C ALA B 60 6.40 -34.61 -8.31
N ALA B 61 7.12 -35.20 -7.37
CA ALA B 61 7.58 -34.45 -6.21
C ALA B 61 8.60 -33.36 -6.54
N LYS B 62 9.44 -33.57 -7.56
CA LYS B 62 10.58 -32.66 -7.73
C LYS B 62 10.68 -31.75 -8.95
N HIS B 63 10.12 -32.17 -10.06
CA HIS B 63 10.24 -31.42 -11.30
C HIS B 63 8.78 -31.37 -11.78
N ARG B 64 8.20 -30.20 -11.88
CA ARG B 64 6.86 -30.08 -12.40
C ARG B 64 6.88 -29.01 -13.50
N GLN B 65 7.17 -29.46 -14.72
CA GLN B 65 7.29 -28.58 -15.87
C GLN B 65 6.39 -28.97 -17.01
N GLN B 66 6.19 -30.27 -17.24
CA GLN B 66 5.40 -30.71 -18.39
C GLN B 66 4.70 -32.05 -18.06
N VAL B 67 3.45 -32.17 -18.45
CA VAL B 67 2.70 -33.40 -18.31
C VAL B 67 2.20 -33.82 -19.69
N SER B 68 2.26 -35.09 -19.98
CA SER B 68 1.66 -35.60 -21.20
C SER B 68 0.59 -36.61 -20.89
N TYR B 69 -0.38 -36.72 -21.80
CA TYR B 69 -1.49 -37.62 -21.56
C TYR B 69 -2.15 -38.04 -22.85
N LEU B 70 -2.97 -39.09 -22.75
CA LEU B 70 -3.92 -39.44 -23.82
C LEU B 70 -5.10 -40.11 -23.15
N ILE B 71 -6.21 -40.22 -23.86
CA ILE B 71 -7.35 -40.96 -23.40
C ILE B 71 -7.41 -42.22 -24.26
N ASN B 72 -7.51 -43.39 -23.62
CA ASN B 72 -7.56 -44.67 -24.33
C ASN B 72 -8.85 -45.43 -23.96
N ASN B 73 -8.96 -46.61 -24.56
CA ASN B 73 -9.97 -47.60 -24.18
C ASN B 73 -9.35 -49.02 -24.04
N LYS B 74 -10.14 -50.06 -23.65
CA LYS B 74 -9.61 -51.46 -23.49
C LYS B 74 -9.05 -52.10 -24.76
N ALA B 75 -9.60 -51.70 -25.90
CA ALA B 75 -9.06 -52.15 -27.18
C ALA B 75 -7.68 -51.57 -27.45
N GLY B 76 -7.25 -50.66 -26.58
CA GLY B 76 -5.97 -50.01 -26.74
C GLY B 76 -5.95 -48.94 -27.81
N GLU B 77 -7.11 -48.36 -28.14
CA GLU B 77 -7.15 -47.24 -29.09
C GLU B 77 -6.70 -45.99 -28.39
N ASN B 78 -5.96 -45.14 -29.10
CA ASN B 78 -5.56 -43.81 -28.61
C ASN B 78 -6.61 -42.88 -29.19
N LEU B 79 -7.61 -42.59 -28.36
CA LEU B 79 -8.77 -41.81 -28.78
C LEU B 79 -8.52 -40.31 -28.91
N SER B 80 -7.64 -39.74 -28.08
CA SER B 80 -7.38 -38.31 -28.11
C SER B 80 -6.20 -37.88 -29.00
N LYS B 81 -5.33 -38.85 -29.33
CA LYS B 81 -3.94 -38.62 -29.77
C LYS B 81 -3.14 -38.20 -28.55
N ASP B 82 -1.83 -38.35 -28.62
CA ASP B 82 -0.97 -37.87 -27.57
C ASP B 82 -1.06 -36.37 -27.41
N GLN B 83 -1.11 -35.93 -26.16
CA GLN B 83 -1.22 -34.52 -25.81
C GLN B 83 -0.20 -34.11 -24.77
N HIS B 84 0.14 -32.82 -24.76
CA HIS B 84 1.24 -32.29 -23.96
C HIS B 84 0.83 -30.97 -23.32
N ILE B 85 1.05 -30.85 -22.02
CA ILE B 85 0.70 -29.65 -21.27
C ILE B 85 1.96 -29.07 -20.63
N SER B 86 2.17 -27.78 -20.84
CA SER B 86 3.22 -27.04 -20.14
C SER B 86 2.69 -26.51 -18.84
N LEU B 87 3.39 -26.77 -17.75
CA LEU B 87 3.02 -26.20 -16.48
C LEU B 87 3.80 -24.88 -16.39
N LEU B 88 3.07 -23.78 -16.31
CA LEU B 88 3.68 -22.46 -16.35
C LEU B 88 4.61 -22.23 -15.18
N THR B 89 4.29 -22.87 -14.09
CA THR B 89 5.12 -22.84 -12.91
C THR B 89 4.88 -24.16 -12.17
N PRO B 90 5.78 -24.63 -11.31
CA PRO B 90 5.53 -25.87 -10.55
C PRO B 90 4.33 -25.81 -9.61
N LYS B 91 3.77 -24.63 -9.40
CA LYS B 91 2.58 -24.47 -8.58
C LYS B 91 1.26 -24.62 -9.41
N MSE B 92 1.40 -24.77 -10.72
CA MSE B 92 0.18 -24.87 -11.52
C MSE B 92 -0.58 -26.15 -11.37
O MSE B 92 0.03 -27.22 -11.48
CB MSE B 92 0.50 -24.72 -13.00
CG MSE B 92 -0.73 -24.91 -13.89
SE MSE B 92 -0.51 -24.25 -15.72
CE MSE B 92 -1.60 -25.59 -16.68
N ASN B 93 -1.84 -26.11 -10.92
CA ASN B 93 -2.47 -27.20 -10.20
C ASN B 93 -3.86 -27.45 -10.88
N GLU B 94 -4.11 -26.78 -12.01
CA GLU B 94 -5.42 -26.87 -12.68
C GLU B 94 -5.27 -26.49 -14.13
N VAL B 95 -5.94 -27.26 -14.99
CA VAL B 95 -5.93 -27.01 -16.43
C VAL B 95 -7.28 -27.36 -16.98
N TRP B 96 -7.66 -26.67 -18.05
CA TRP B 96 -8.91 -26.88 -18.76
C TRP B 96 -8.58 -27.31 -20.18
N ILE B 97 -9.10 -28.47 -20.57
CA ILE B 97 -8.82 -29.08 -21.87
C ILE B 97 -10.15 -29.06 -22.63
N ASP B 98 -10.15 -28.35 -23.74
CA ASP B 98 -11.39 -28.13 -24.46
C ASP B 98 -11.68 -29.28 -25.41
N GLU B 99 -12.74 -29.13 -26.18
CA GLU B 99 -13.20 -30.17 -27.08
C GLU B 99 -12.20 -30.53 -28.18
N ASN B 100 -11.30 -29.60 -28.51
CA ASN B 100 -10.21 -29.85 -29.43
C ASN B 100 -8.89 -30.23 -28.77
N TYR B 101 -8.95 -30.61 -27.50
CA TYR B 101 -7.77 -30.94 -26.70
C TYR B 101 -6.75 -29.80 -26.57
N HIS B 102 -7.22 -28.58 -26.76
CA HIS B 102 -6.40 -27.41 -26.45
C HIS B 102 -6.44 -27.11 -24.93
N ALA B 103 -5.28 -26.91 -24.32
CA ALA B 103 -5.16 -26.69 -22.88
C ALA B 103 -5.16 -25.23 -22.54
N HIS B 104 -5.75 -24.91 -21.39
CA HIS B 104 -5.85 -23.55 -20.90
C HIS B 104 -5.55 -23.47 -19.43
N ALA B 105 -4.90 -22.39 -18.99
CA ALA B 105 -4.51 -22.22 -17.59
C ALA B 105 -5.58 -21.60 -16.71
N TYR B 106 -6.73 -21.34 -17.32
CA TYR B 106 -7.92 -20.87 -16.65
C TYR B 106 -9.11 -21.35 -17.49
N ARG B 107 -10.33 -21.25 -16.96
CA ARG B 107 -11.52 -21.63 -17.71
C ARG B 107 -11.81 -20.63 -18.84
N PRO B 108 -11.79 -21.07 -20.11
CA PRO B 108 -12.13 -20.14 -21.19
C PRO B 108 -13.57 -19.65 -21.08
N LEU B 109 -13.76 -18.39 -21.36
CA LEU B 109 -15.09 -17.86 -21.36
C LEU B 109 -15.59 -17.73 -22.84
N LYS B 110 -16.82 -17.28 -22.98
CA LYS B 110 -17.44 -17.12 -24.30
C LYS B 110 -16.68 -16.12 -25.20
N GLU B 111 -16.68 -16.44 -26.49
CA GLU B 111 -16.10 -15.63 -27.52
C GLU B 111 -16.71 -14.23 -27.53
N GLY B 112 -15.91 -13.24 -27.87
CA GLY B 112 -16.35 -11.84 -27.92
C GLY B 112 -16.30 -11.09 -26.59
N TYR B 113 -15.77 -11.74 -25.54
CA TYR B 113 -15.60 -11.08 -24.22
C TYR B 113 -14.16 -11.24 -23.76
N LEU B 114 -13.67 -10.26 -23.00
CA LEU B 114 -12.44 -10.40 -22.19
C LEU B 114 -12.77 -10.19 -20.74
N ARG B 115 -12.43 -11.17 -19.89
CA ARG B 115 -12.53 -10.98 -18.47
C ARG B 115 -11.22 -10.37 -18.00
N ILE B 116 -11.32 -9.24 -17.30
CA ILE B 116 -10.20 -8.58 -16.68
C ILE B 116 -10.26 -8.89 -15.18
N ASN B 117 -9.30 -9.66 -14.69
CA ASN B 117 -9.20 -10.05 -13.30
C ASN B 117 -8.17 -9.15 -12.62
N TYR B 118 -8.52 -8.58 -11.47
CA TYR B 118 -7.62 -7.73 -10.72
C TYR B 118 -7.50 -8.25 -9.30
N HIS B 119 -6.27 -8.54 -8.85
CA HIS B 119 -6.02 -8.97 -7.48
C HIS B 119 -5.16 -7.95 -6.72
N ASN B 120 -5.49 -7.75 -5.44
CA ASN B 120 -4.63 -6.98 -4.56
C ASN B 120 -4.39 -7.72 -3.24
N GLN B 121 -3.50 -7.14 -2.44
CA GLN B 121 -3.04 -7.83 -1.21
C GLN B 121 -4.15 -7.89 -0.16
N SER B 122 -4.91 -6.81 -0.05
CA SER B 122 -5.93 -6.69 1.00
C SER B 122 -7.16 -7.51 0.72
N GLY B 123 -7.44 -7.81 -0.55
CA GLY B 123 -8.70 -8.37 -0.95
C GLY B 123 -9.89 -7.43 -0.81
N HIS B 124 -9.63 -6.14 -0.70
CA HIS B 124 -10.66 -5.12 -0.59
C HIS B 124 -10.75 -4.41 -1.95
N TYR B 125 -11.88 -4.55 -2.63
CA TYR B 125 -12.09 -3.99 -3.98
C TYR B 125 -13.20 -2.95 -4.02
N ASP B 126 -13.76 -2.58 -2.87
CA ASP B 126 -14.78 -1.56 -2.87
C ASP B 126 -14.26 -0.26 -3.50
N ASN B 127 -15.11 0.30 -4.35
CA ASN B 127 -14.84 1.58 -5.03
C ASN B 127 -13.69 1.56 -5.99
N LEU B 128 -13.25 0.38 -6.36
CA LEU B 128 -12.32 0.24 -7.51
C LEU B 128 -13.13 0.03 -8.75
N ALA B 129 -12.60 0.54 -9.87
CA ALA B 129 -13.27 0.39 -11.13
C ALA B 129 -12.29 0.15 -12.25
N VAL B 130 -12.80 -0.31 -13.38
CA VAL B 130 -11.97 -0.53 -14.55
C VAL B 130 -12.38 0.43 -15.65
N TRP B 131 -11.43 1.20 -16.14
CA TRP B 131 -11.60 2.08 -17.28
C TRP B 131 -11.23 1.31 -18.55
N THR B 132 -12.07 1.34 -19.59
CA THR B 132 -11.79 0.57 -20.80
C THR B 132 -11.87 1.44 -22.04
N PHE B 133 -11.04 1.09 -23.01
CA PHE B 133 -10.97 1.80 -24.29
C PHE B 133 -10.32 0.96 -25.37
N LYS B 134 -10.19 1.54 -26.57
CA LYS B 134 -9.82 0.80 -27.78
C LYS B 134 -10.94 -0.16 -28.19
N ASP B 135 -10.66 -1.43 -28.52
CA ASP B 135 -11.63 -2.22 -29.34
C ASP B 135 -12.74 -2.95 -28.48
N VAL B 136 -13.21 -2.24 -27.46
CA VAL B 136 -14.33 -2.67 -26.69
C VAL B 136 -15.59 -2.08 -27.34
N LYS B 137 -16.72 -2.74 -27.16
CA LYS B 137 -17.98 -2.20 -27.70
C LYS B 137 -18.42 -0.88 -27.09
N THR B 138 -18.27 -0.73 -25.77
CA THR B 138 -18.74 0.46 -25.08
C THR B 138 -17.65 0.95 -24.15
N PRO B 139 -16.80 1.83 -24.67
CA PRO B 139 -15.78 2.46 -23.83
C PRO B 139 -16.40 3.13 -22.64
N THR B 140 -15.75 3.05 -21.49
CA THR B 140 -16.23 3.72 -20.29
C THR B 140 -16.27 5.23 -20.47
N THR B 141 -17.15 5.83 -19.68
CA THR B 141 -17.41 7.28 -19.67
C THR B 141 -17.43 7.88 -18.30
N ASP B 142 -17.42 9.21 -18.24
CA ASP B 142 -17.55 9.97 -16.98
C ASP B 142 -16.50 9.64 -15.93
N TRP B 143 -15.25 9.83 -16.31
CA TRP B 143 -14.12 9.61 -15.42
C TRP B 143 -14.31 10.14 -14.01
N PRO B 144 -14.01 9.35 -12.94
CA PRO B 144 -13.51 7.97 -12.98
C PRO B 144 -14.54 6.84 -12.83
N ASN B 145 -15.78 7.07 -13.25
CA ASN B 145 -16.88 6.07 -13.20
C ASN B 145 -16.81 4.85 -14.12
N GLY B 146 -15.83 4.01 -13.96
CA GLY B 146 -15.67 2.90 -14.88
C GLY B 146 -16.51 1.74 -14.39
N LEU B 147 -16.15 0.56 -14.86
CA LEU B 147 -16.84 -0.66 -14.48
C LEU B 147 -16.47 -1.10 -13.10
N ASP B 148 -17.48 -1.38 -12.28
CA ASP B 148 -17.24 -1.85 -10.93
C ASP B 148 -16.58 -3.23 -10.93
N LEU B 149 -15.78 -3.44 -9.89
CA LEU B 149 -15.13 -4.70 -9.54
C LEU B 149 -15.88 -5.38 -8.37
N SER B 150 -17.20 -5.39 -8.47
CA SER B 150 -18.06 -6.03 -7.47
C SER B 150 -18.07 -7.57 -7.61
N HIS B 151 -17.74 -8.11 -8.78
CA HIS B 151 -17.74 -9.57 -8.95
C HIS B 151 -16.40 -10.10 -8.45
N LYS B 152 -16.47 -11.17 -7.68
CA LYS B 152 -15.29 -11.82 -7.11
C LYS B 152 -15.21 -13.23 -7.64
N GLY B 153 -14.01 -13.62 -8.10
CA GLY B 153 -13.78 -14.92 -8.66
C GLY B 153 -12.59 -15.55 -7.96
N HIS B 154 -11.95 -16.47 -8.67
CA HIS B 154 -10.79 -17.19 -8.14
C HIS B 154 -9.49 -16.44 -8.14
N TYR B 155 -9.43 -15.30 -8.84
CA TYR B 155 -8.16 -14.64 -9.16
C TYR B 155 -8.22 -13.13 -8.89
N GLY B 156 -9.03 -12.83 -7.87
CA GLY B 156 -9.38 -11.49 -7.49
C GLY B 156 -10.75 -11.09 -7.95
N ALA B 157 -10.99 -9.79 -7.99
CA ALA B 157 -12.24 -9.26 -8.55
C ALA B 157 -12.14 -9.31 -10.06
N TYR B 158 -13.29 -9.19 -10.74
CA TYR B 158 -13.24 -9.20 -12.20
C TYR B 158 -14.45 -8.49 -12.80
N VAL B 159 -14.28 -8.12 -14.06
CA VAL B 159 -15.35 -7.65 -14.91
C VAL B 159 -15.23 -8.30 -16.30
N ASP B 160 -16.37 -8.57 -16.92
CA ASP B 160 -16.43 -9.17 -18.25
C ASP B 160 -16.79 -8.08 -19.26
N VAL B 161 -15.91 -7.87 -20.24
CA VAL B 161 -15.97 -6.73 -21.14
C VAL B 161 -16.32 -7.17 -22.56
N PRO B 162 -17.47 -6.76 -23.09
CA PRO B 162 -17.77 -7.09 -24.49
C PRO B 162 -16.80 -6.42 -25.46
N LEU B 163 -16.25 -7.22 -26.36
CA LEU B 163 -15.31 -6.76 -27.35
C LEU B 163 -15.97 -6.54 -28.72
N LYS B 164 -15.46 -5.58 -29.46
CA LYS B 164 -15.87 -5.45 -30.88
C LYS B 164 -15.51 -6.75 -31.63
N GLU B 165 -16.31 -7.14 -32.62
CA GLU B 165 -15.98 -8.35 -33.35
C GLU B 165 -14.74 -7.94 -34.16
N GLY B 166 -13.78 -8.81 -34.27
CA GLY B 166 -12.54 -8.43 -34.93
C GLY B 166 -11.64 -7.49 -34.14
N ALA B 167 -11.88 -7.41 -32.83
CA ALA B 167 -10.99 -6.66 -31.93
C ALA B 167 -9.57 -7.14 -32.10
N ASN B 168 -8.67 -6.17 -32.11
CA ASN B 168 -7.22 -6.38 -32.14
C ASN B 168 -6.57 -6.04 -30.79
N GLU B 169 -7.03 -4.97 -30.14
CA GLU B 169 -6.33 -4.42 -28.97
C GLU B 169 -7.33 -3.80 -27.99
N ILE B 170 -7.13 -4.04 -26.68
CA ILE B 170 -7.87 -3.37 -25.64
C ILE B 170 -6.90 -2.61 -24.75
N GLY B 171 -7.34 -1.45 -24.30
CA GLY B 171 -6.68 -0.64 -23.31
C GLY B 171 -7.54 -0.59 -22.06
N PHE B 172 -6.92 -0.60 -20.90
CA PHE B 172 -7.68 -0.47 -19.67
C PHE B 172 -6.80 0.04 -18.53
N LEU B 173 -7.45 0.45 -17.44
CA LEU B 173 -6.73 0.90 -16.25
C LEU B 173 -7.57 0.59 -15.03
N ILE B 174 -6.92 0.24 -13.92
CA ILE B 174 -7.64 0.07 -12.69
C ILE B 174 -7.60 1.40 -11.91
N LEU B 175 -8.77 1.84 -11.52
CA LEU B 175 -8.99 3.11 -10.85
C LEU B 175 -9.48 2.88 -9.43
N ASP B 176 -9.07 3.81 -8.57
CA ASP B 176 -9.56 3.90 -7.22
C ASP B 176 -10.43 5.16 -7.06
N LYS B 177 -11.74 4.98 -7.08
CA LYS B 177 -12.65 6.10 -7.07
C LYS B 177 -12.72 6.81 -5.71
N SER B 178 -12.07 6.26 -4.73
CA SER B 178 -12.03 6.93 -3.41
C SER B 178 -11.00 8.08 -3.41
N LYS B 179 -10.16 8.14 -4.44
CA LYS B 179 -9.13 9.17 -4.56
C LYS B 179 -9.57 10.33 -5.43
N THR B 180 -8.73 11.38 -5.43
CA THR B 180 -8.88 12.51 -6.36
C THR B 180 -7.55 12.73 -7.11
N GLY B 181 -7.61 13.38 -8.27
CA GLY B 181 -6.41 13.71 -9.03
C GLY B 181 -5.72 12.51 -9.60
N ASP B 182 -4.40 12.61 -9.74
CA ASP B 182 -3.60 11.55 -10.36
C ASP B 182 -3.67 10.22 -9.59
N ALA B 183 -3.91 10.27 -8.25
CA ALA B 183 -4.06 9.08 -7.43
C ALA B 183 -5.26 8.18 -7.75
N ILE B 184 -6.21 8.69 -8.52
CA ILE B 184 -7.29 7.82 -9.04
C ILE B 184 -6.74 6.64 -9.86
N LYS B 185 -5.64 6.86 -10.57
CA LYS B 185 -4.95 5.75 -11.23
C LYS B 185 -4.21 4.89 -10.21
N VAL B 186 -4.56 3.63 -10.09
CA VAL B 186 -3.88 2.76 -9.12
C VAL B 186 -2.37 2.67 -9.41
N GLN B 187 -2.03 2.62 -10.69
CA GLN B 187 -0.69 2.88 -11.17
C GLN B 187 -0.83 3.63 -12.52
N PRO B 188 0.23 4.31 -12.93
CA PRO B 188 0.06 5.30 -14.01
C PRO B 188 0.03 4.86 -15.45
N LYS B 189 0.43 3.63 -15.75
CA LYS B 189 0.64 3.20 -17.11
C LYS B 189 -0.57 2.44 -17.62
N ASP B 190 -1.13 2.86 -18.75
CA ASP B 190 -2.28 2.13 -19.30
C ASP B 190 -1.89 0.69 -19.53
N TYR B 191 -2.79 -0.25 -19.24
CA TYR B 191 -2.65 -1.66 -19.63
C TYR B 191 -3.10 -1.81 -21.08
N LEU B 192 -2.31 -2.54 -21.84
CA LEU B 192 -2.62 -2.82 -23.24
C LEU B 192 -2.55 -4.31 -23.43
N PHE B 193 -3.57 -4.88 -24.08
CA PHE B 193 -3.57 -6.30 -24.37
C PHE B 193 -3.96 -6.53 -25.79
N LYS B 194 -3.15 -7.32 -26.50
CA LYS B 194 -3.35 -7.53 -27.93
C LYS B 194 -3.58 -8.97 -28.33
N GLU B 195 -3.57 -9.92 -27.39
CA GLU B 195 -3.66 -11.35 -27.76
C GLU B 195 -5.06 -11.93 -27.57
N LEU B 196 -6.01 -11.25 -28.20
CA LEU B 196 -7.44 -11.51 -27.96
C LEU B 196 -7.96 -12.73 -28.70
N ASP B 197 -7.21 -13.24 -29.65
CA ASP B 197 -7.59 -14.49 -30.30
C ASP B 197 -7.33 -15.70 -29.39
N ASN B 198 -6.24 -15.67 -28.64
CA ASN B 198 -5.88 -16.82 -27.82
C ASN B 198 -6.41 -16.78 -26.40
N HIS B 199 -7.00 -15.65 -25.97
CA HIS B 199 -7.14 -15.40 -24.52
C HIS B 199 -8.48 -14.76 -24.33
N THR B 200 -9.29 -15.39 -23.49
CA THR B 200 -10.41 -14.74 -22.84
C THR B 200 -10.35 -14.19 -21.46
N GLN B 201 -9.24 -14.42 -20.76
CA GLN B 201 -9.02 -13.80 -19.48
C GLN B 201 -7.62 -13.22 -19.45
N VAL B 202 -7.50 -12.08 -18.78
CA VAL B 202 -6.23 -11.50 -18.40
C VAL B 202 -6.24 -11.18 -16.93
N PHE B 203 -5.03 -10.99 -16.41
CA PHE B 203 -4.74 -10.97 -15.00
C PHE B 203 -3.78 -9.81 -14.70
N VAL B 204 -4.24 -8.90 -13.85
CA VAL B 204 -3.47 -7.78 -13.36
C VAL B 204 -3.52 -7.78 -11.84
N LYS B 205 -2.54 -7.13 -11.22
CA LYS B 205 -2.41 -7.15 -9.78
C LYS B 205 -1.70 -5.92 -9.19
N ASP B 206 -2.15 -5.56 -7.99
CA ASP B 206 -1.50 -4.57 -7.12
C ASP B 206 -1.25 -3.28 -7.93
N THR B 207 0.00 -2.80 -7.97
CA THR B 207 0.42 -1.67 -8.79
C THR B 207 1.36 -2.07 -9.93
N ASP B 208 1.25 -3.33 -10.34
CA ASP B 208 2.15 -3.92 -11.33
C ASP B 208 1.61 -3.52 -12.73
N PRO B 209 2.41 -2.85 -13.56
CA PRO B 209 1.96 -2.39 -14.88
C PRO B 209 1.84 -3.44 -15.99
N LYS B 210 2.19 -4.68 -15.72
CA LYS B 210 2.12 -5.76 -16.71
C LYS B 210 0.73 -6.41 -16.77
N VAL B 211 0.26 -6.68 -17.98
CA VAL B 211 -0.86 -7.57 -18.22
C VAL B 211 -0.34 -8.98 -18.42
N TYR B 212 -0.85 -9.89 -17.62
CA TYR B 212 -0.47 -11.27 -17.69
C TYR B 212 -1.61 -12.06 -18.33
N ASN B 213 -1.24 -13.13 -19.02
CA ASN B 213 -2.22 -13.98 -19.67
C ASN B 213 -2.60 -15.25 -18.89
N ASN B 214 -2.16 -15.30 -17.63
CA ASN B 214 -2.37 -16.46 -16.77
C ASN B 214 -2.39 -16.03 -15.29
N PRO B 215 -3.08 -16.81 -14.47
CA PRO B 215 -3.26 -16.47 -13.06
C PRO B 215 -2.03 -16.66 -12.17
N TYR B 216 -0.94 -17.15 -12.73
CA TYR B 216 0.34 -17.33 -12.02
C TYR B 216 1.24 -16.12 -12.17
N TYR B 217 0.79 -15.12 -12.92
CA TYR B 217 1.57 -13.89 -13.18
C TYR B 217 2.96 -14.22 -13.73
N ILE B 218 3.02 -15.17 -14.66
CA ILE B 218 4.24 -15.56 -15.35
C ILE B 218 4.30 -14.78 -16.66
N ASP B 219 5.36 -13.94 -16.73
CA ASP B 219 5.83 -13.07 -17.83
C ASP B 219 5.88 -11.59 -17.51
#